data_2FZ1
#
_entry.id   2FZ1
#
_cell.length_a   511.360
_cell.length_b   511.360
_cell.length_c   304.310
_cell.angle_alpha   90.00
_cell.angle_beta   90.00
_cell.angle_gamma   120.00
#
_symmetry.space_group_name_H-M   'P 64 2 2'
#
_entity_poly.entity_id   1
_entity_poly.type   'polypeptide(L)'
_entity_poly.pdbx_seq_one_letter_code
;MEIDKELAPQDRTVTVATVLPTVPGPSPFTIKQPFQSEVLFAGTKDAEASLTIANIDSVSTLTTFYRHASLESLWVTIHP
TLQAPAFPTTVGVCWVPAQSPVTPTQITKTYGGQIFCIGGAIQTLSPLIVKCPLEMMQPRVKDSIQYLDSPKLLISITAQ
PTAPPASTCIITVSGTLSMHSPLITDTST
;
_entity_poly.pdbx_strand_id   A,B,C
#
# COMPACT_ATOMS: atom_id res chain seq x y z
N SER A 27 -17.97 -3.67 18.29
CA SER A 27 -17.19 -2.39 18.28
C SER A 27 -16.08 -2.40 19.32
N PRO A 28 -14.83 -2.69 18.90
CA PRO A 28 -13.66 -2.75 19.80
C PRO A 28 -13.62 -1.58 20.76
N PHE A 29 -12.95 -1.77 21.89
CA PHE A 29 -12.84 -0.73 22.89
C PHE A 29 -11.67 0.15 22.54
N THR A 30 -11.92 1.45 22.59
CA THR A 30 -10.94 2.48 22.23
C THR A 30 -10.65 3.47 23.34
N ILE A 31 -9.52 4.17 23.21
CA ILE A 31 -9.10 5.22 24.15
C ILE A 31 -8.67 6.42 23.33
N LYS A 32 -8.66 7.57 23.99
CA LYS A 32 -8.23 8.80 23.35
C LYS A 32 -7.04 9.21 24.18
N GLN A 33 -5.96 9.59 23.50
CA GLN A 33 -4.74 10.06 24.15
C GLN A 33 -4.27 11.34 23.44
N PRO A 34 -3.98 12.40 24.21
CA PRO A 34 -3.52 13.73 23.79
C PRO A 34 -2.03 13.89 23.83
N PHE A 35 -1.50 14.94 23.21
CA PHE A 35 -0.05 15.13 23.19
C PHE A 35 0.40 16.46 22.63
N GLN A 36 1.64 16.81 22.96
CA GLN A 36 2.25 18.00 22.41
C GLN A 36 3.63 17.52 22.04
N SER A 37 4.03 17.81 20.80
CA SER A 37 5.33 17.39 20.32
C SER A 37 6.16 18.57 19.89
N GLU A 38 7.39 18.63 20.41
CA GLU A 38 8.29 19.71 20.03
C GLU A 38 8.74 19.27 18.63
N VAL A 39 8.57 20.14 17.63
CA VAL A 39 8.98 19.77 16.28
C VAL A 39 10.10 20.65 15.76
N LEU A 40 10.17 21.88 16.26
CA LEU A 40 11.24 22.76 15.81
C LEU A 40 11.55 23.98 16.65
N PHE A 41 12.86 24.24 16.79
CA PHE A 41 13.36 25.39 17.53
C PHE A 41 13.88 26.35 16.49
N ALA A 42 13.07 27.36 16.20
CA ALA A 42 13.43 28.31 15.17
C ALA A 42 14.17 29.50 15.68
N GLY A 43 14.45 30.42 14.75
CA GLY A 43 15.12 31.66 15.06
C GLY A 43 16.55 31.83 14.63
N THR A 44 17.38 30.84 14.94
CA THR A 44 18.79 30.91 14.63
C THR A 44 19.16 31.08 13.16
N LYS A 45 18.50 30.36 12.26
CA LYS A 45 18.79 30.47 10.82
C LYS A 45 17.55 30.17 10.02
N ASP A 46 17.54 30.49 8.73
CA ASP A 46 16.37 30.20 7.90
C ASP A 46 16.30 28.70 7.75
N ALA A 47 15.09 28.16 7.63
CA ALA A 47 14.93 26.72 7.49
C ALA A 47 13.56 26.32 6.95
N GLU A 48 13.54 25.19 6.24
CA GLU A 48 12.33 24.63 5.62
C GLU A 48 12.04 23.37 6.45
N ALA A 49 10.82 22.81 6.33
CA ALA A 49 10.42 21.59 7.03
C ALA A 49 9.12 20.96 6.50
N SER A 50 9.18 19.68 6.16
CA SER A 50 8.02 18.94 5.67
C SER A 50 7.84 17.82 6.67
N LEU A 51 6.72 17.83 7.40
CA LEU A 51 6.52 16.81 8.41
C LEU A 51 5.30 15.92 8.33
N THR A 52 5.56 14.65 8.04
CA THR A 52 4.50 13.65 7.99
C THR A 52 4.22 13.36 9.46
N ILE A 53 3.11 13.91 9.95
CA ILE A 53 2.71 13.78 11.35
C ILE A 53 2.82 12.39 11.98
N ALA A 54 2.18 11.39 11.35
CA ALA A 54 2.17 10.06 11.89
C ALA A 54 3.55 9.52 12.27
N ASN A 55 4.60 10.23 11.92
CA ASN A 55 5.94 9.77 12.24
C ASN A 55 6.69 10.54 13.29
N ILE A 56 6.01 11.40 14.03
CA ILE A 56 6.71 12.16 15.03
C ILE A 56 6.79 11.44 16.37
N ASP A 57 7.97 11.58 16.99
CA ASP A 57 8.30 10.96 18.27
C ASP A 57 7.05 10.74 19.11
N SER A 58 6.29 11.78 19.38
CA SER A 58 5.10 11.64 20.18
C SER A 58 4.18 10.55 19.63
N VAL A 59 3.59 10.80 18.47
CA VAL A 59 2.70 9.87 17.79
C VAL A 59 3.26 8.45 17.75
N SER A 60 4.39 8.30 17.07
CA SER A 60 5.02 7.00 16.96
C SER A 60 4.88 6.25 18.29
N THR A 61 5.17 6.96 19.36
CA THR A 61 5.11 6.39 20.70
C THR A 61 3.78 5.84 21.18
N LEU A 62 2.78 6.71 21.34
CA LEU A 62 1.49 6.25 21.83
C LEU A 62 0.96 5.09 21.02
N THR A 63 0.96 5.28 19.70
CA THR A 63 0.51 4.29 18.73
C THR A 63 1.26 2.96 18.84
N THR A 64 2.47 3.02 19.38
CA THR A 64 3.32 1.86 19.54
C THR A 64 2.56 0.57 19.79
N PHE A 65 1.62 0.60 20.73
CA PHE A 65 0.87 -0.60 21.07
C PHE A 65 -0.45 -0.88 20.42
N TYR A 66 -0.83 -0.12 19.40
CA TYR A 66 -2.11 -0.39 18.78
C TYR A 66 -1.96 -0.68 17.31
N ARG A 67 -3.04 -1.20 16.72
CA ARG A 67 -3.08 -1.54 15.32
C ARG A 67 -3.80 -0.45 14.54
N HIS A 68 -4.63 0.33 15.23
CA HIS A 68 -5.36 1.41 14.59
C HIS A 68 -5.35 2.66 15.46
N ALA A 69 -4.98 3.78 14.84
CA ALA A 69 -4.93 5.06 15.51
C ALA A 69 -5.43 6.10 14.52
N SER A 70 -6.18 7.05 15.02
CA SER A 70 -6.74 8.08 14.18
C SER A 70 -6.68 9.36 14.97
N LEU A 71 -6.67 10.48 14.27
CA LEU A 71 -6.60 11.77 14.92
C LEU A 71 -7.94 12.42 15.11
N GLU A 72 -8.33 12.64 16.35
CA GLU A 72 -9.64 13.25 16.61
C GLU A 72 -9.52 14.76 16.51
N SER A 73 -8.30 15.28 16.58
CA SER A 73 -8.08 16.72 16.50
C SER A 73 -6.59 17.00 16.44
N LEU A 74 -6.21 18.07 15.74
CA LEU A 74 -4.80 18.38 15.65
C LEU A 74 -4.48 19.77 15.18
N TRP A 75 -3.36 20.29 15.67
CA TRP A 75 -2.91 21.61 15.28
C TRP A 75 -1.48 21.90 15.70
N VAL A 76 -0.94 22.95 15.10
CA VAL A 76 0.40 23.38 15.40
C VAL A 76 0.27 24.67 16.17
N THR A 77 1.19 24.87 17.10
CA THR A 77 1.18 26.06 17.88
C THR A 77 2.62 26.58 17.97
N ILE A 78 2.76 27.90 18.01
CA ILE A 78 4.07 28.51 18.10
C ILE A 78 4.23 29.26 19.42
N HIS A 79 5.20 28.82 20.20
CA HIS A 79 5.47 29.45 21.47
C HIS A 79 6.66 30.32 21.21
N PRO A 80 6.56 31.61 21.56
CA PRO A 80 7.62 32.60 21.38
C PRO A 80 8.58 32.71 22.57
N THR A 81 9.87 32.81 22.27
CA THR A 81 10.89 32.96 23.31
C THR A 81 11.15 34.44 23.57
N LEU A 82 11.93 34.75 24.61
CA LEU A 82 12.23 36.14 24.91
C LEU A 82 13.21 36.73 23.90
N GLN A 83 13.73 35.86 23.03
CA GLN A 83 14.66 36.29 21.99
C GLN A 83 13.89 37.11 20.95
N ALA A 84 12.64 36.70 20.74
CA ALA A 84 11.77 37.29 19.75
C ALA A 84 11.67 38.78 19.61
N PRO A 85 11.36 39.50 20.69
CA PRO A 85 11.23 40.96 20.59
C PRO A 85 12.45 41.62 19.98
N ALA A 86 13.62 41.10 20.33
CA ALA A 86 14.88 41.61 19.85
C ALA A 86 15.12 41.15 18.43
N PHE A 87 14.72 39.91 18.15
CA PHE A 87 14.92 39.35 16.83
C PHE A 87 13.70 38.80 16.09
N PRO A 88 12.85 39.69 15.58
CA PRO A 88 11.63 39.33 14.83
C PRO A 88 11.92 38.26 13.79
N THR A 89 11.01 37.31 13.66
CA THR A 89 11.19 36.21 12.71
C THR A 89 10.00 35.95 11.81
N THR A 90 10.28 35.70 10.54
CA THR A 90 9.22 35.39 9.59
C THR A 90 9.03 33.88 9.71
N VAL A 91 7.83 33.44 10.08
CA VAL A 91 7.58 32.01 10.18
C VAL A 91 6.22 31.67 9.59
N GLY A 92 6.24 30.79 8.60
CA GLY A 92 5.01 30.42 7.96
C GLY A 92 4.80 28.95 8.20
N VAL A 93 3.54 28.53 8.12
CA VAL A 93 3.20 27.14 8.32
C VAL A 93 1.99 26.81 7.51
N CYS A 94 1.80 25.52 7.29
CA CYS A 94 0.70 25.07 6.50
C CYS A 94 0.41 23.59 6.66
N TRP A 95 -0.88 23.28 6.83
CA TRP A 95 -1.28 21.90 6.99
C TRP A 95 -1.58 21.41 5.61
N VAL A 96 -1.18 20.17 5.33
CA VAL A 96 -1.38 19.60 4.02
C VAL A 96 -1.45 18.08 4.06
N PRO A 97 -2.09 17.45 3.07
CA PRO A 97 -2.19 15.99 3.02
C PRO A 97 -0.90 15.36 2.49
N ALA A 98 -0.28 14.56 3.36
CA ALA A 98 0.96 13.86 3.06
C ALA A 98 1.48 13.89 1.63
N GLN A 99 0.65 13.49 0.67
CA GLN A 99 1.12 13.46 -0.69
C GLN A 99 0.78 14.68 -1.55
N SER A 100 0.85 15.84 -0.93
CA SER A 100 0.62 17.06 -1.66
C SER A 100 2.04 17.53 -2.02
N PRO A 101 2.25 17.86 -3.29
CA PRO A 101 3.50 18.32 -3.89
C PRO A 101 4.07 19.64 -3.42
N VAL A 102 3.42 20.27 -2.46
CA VAL A 102 3.90 21.54 -2.00
C VAL A 102 5.22 21.54 -1.23
N THR A 103 5.91 22.66 -1.35
CA THR A 103 7.17 22.90 -0.68
C THR A 103 6.93 24.16 0.15
N PRO A 104 7.52 24.22 1.36
CA PRO A 104 7.36 25.38 2.24
C PRO A 104 7.51 26.73 1.53
N THR A 105 8.27 26.71 0.44
CA THR A 105 8.53 27.89 -0.38
C THR A 105 7.22 28.49 -0.87
N GLN A 106 6.22 27.63 -1.03
CA GLN A 106 4.93 28.06 -1.54
C GLN A 106 3.79 28.06 -0.54
N ILE A 107 4.09 28.23 0.74
CA ILE A 107 3.02 28.19 1.74
C ILE A 107 1.86 29.10 1.35
N THR A 108 2.17 30.38 1.18
CA THR A 108 1.17 31.37 0.83
C THR A 108 0.41 31.18 -0.47
N LYS A 109 0.81 30.21 -1.29
CA LYS A 109 0.15 29.97 -2.57
C LYS A 109 -0.93 28.92 -2.40
N THR A 110 -0.95 28.30 -1.22
CA THR A 110 -1.93 27.26 -0.90
C THR A 110 -2.93 27.73 0.16
N TYR A 111 -4.09 27.07 0.19
CA TYR A 111 -5.17 27.40 1.11
C TYR A 111 -4.82 27.57 2.60
N GLY A 112 -4.55 26.47 3.30
CA GLY A 112 -4.23 26.56 4.72
C GLY A 112 -3.12 27.55 5.05
N GLY A 113 -2.33 27.87 4.04
CA GLY A 113 -1.23 28.80 4.13
C GLY A 113 -1.40 29.97 5.06
N GLN A 114 -0.40 30.20 5.88
CA GLN A 114 -0.39 31.31 6.83
C GLN A 114 1.04 31.67 7.20
N ILE A 115 1.32 32.97 7.29
CA ILE A 115 2.64 33.46 7.64
C ILE A 115 2.54 34.48 8.76
N PHE A 116 3.46 34.38 9.72
CA PHE A 116 3.46 35.29 10.87
C PHE A 116 4.84 35.90 11.08
N CYS A 117 4.86 37.03 11.79
CA CYS A 117 6.10 37.70 12.14
C CYS A 117 6.29 37.29 13.59
N ILE A 118 7.39 37.71 14.22
CA ILE A 118 7.62 37.35 15.62
C ILE A 118 8.49 38.37 16.35
N GLY A 119 7.89 39.43 16.89
CA GLY A 119 8.70 40.41 17.58
C GLY A 119 8.05 41.60 18.27
N GLY A 120 8.45 42.78 17.81
CA GLY A 120 7.98 44.04 18.38
C GLY A 120 6.61 44.52 17.89
N ALA A 121 5.64 43.61 17.93
CA ALA A 121 4.25 43.85 17.51
C ALA A 121 3.32 42.86 18.29
N ILE A 122 2.06 42.66 17.88
CA ILE A 122 1.16 41.70 18.61
C ILE A 122 1.68 40.27 18.38
N GLN A 123 2.97 40.08 18.70
CA GLN A 123 3.66 38.80 18.56
C GLN A 123 4.31 38.29 19.85
N THR A 124 3.47 37.73 20.72
CA THR A 124 3.85 37.15 22.01
C THR A 124 2.63 36.40 22.59
N LEU A 125 1.43 36.91 22.30
CA LEU A 125 0.21 36.26 22.75
C LEU A 125 0.39 34.82 22.27
N SER A 126 0.17 33.84 23.14
CA SER A 126 0.33 32.45 22.74
C SER A 126 -0.83 31.83 21.96
N PRO A 127 -1.97 32.54 21.80
CA PRO A 127 -3.05 31.91 21.03
C PRO A 127 -2.59 31.81 19.58
N LEU A 128 -1.30 31.54 19.43
CA LEU A 128 -0.64 31.42 18.14
C LEU A 128 -0.69 29.97 17.69
N ILE A 129 -1.85 29.54 17.21
CA ILE A 129 -2.01 28.17 16.74
C ILE A 129 -2.74 28.16 15.41
N VAL A 130 -2.60 27.04 14.69
CA VAL A 130 -3.26 26.89 13.43
C VAL A 130 -3.87 25.51 13.46
N LYS A 131 -5.20 25.48 13.49
CA LYS A 131 -5.91 24.21 13.54
C LYS A 131 -5.72 23.47 12.23
N CYS A 132 -5.47 22.18 12.33
CA CYS A 132 -5.37 21.38 11.13
C CYS A 132 -6.78 20.90 10.85
N PRO A 133 -7.21 21.01 9.59
CA PRO A 133 -8.54 20.60 9.14
C PRO A 133 -8.54 19.16 8.67
N LEU A 134 -8.67 18.24 9.61
CA LEU A 134 -8.67 16.83 9.27
C LEU A 134 -9.90 16.50 8.42
N GLU A 135 -10.81 17.45 8.36
CA GLU A 135 -12.03 17.30 7.56
C GLU A 135 -11.57 17.23 6.10
N MET A 136 -10.35 17.71 5.87
CA MET A 136 -9.78 17.74 4.52
C MET A 136 -8.70 16.71 4.21
N MET A 137 -8.40 15.81 5.16
CA MET A 137 -7.39 14.79 4.93
C MET A 137 -7.71 13.48 5.64
N GLN A 138 -6.79 12.53 5.54
CA GLN A 138 -6.97 11.23 6.18
C GLN A 138 -6.38 11.36 7.57
N PRO A 139 -7.21 11.13 8.60
CA PRO A 139 -6.83 11.20 10.03
C PRO A 139 -6.26 9.89 10.53
N ARG A 140 -6.51 8.82 9.79
CA ARG A 140 -5.98 7.51 10.18
C ARG A 140 -4.46 7.66 10.12
N VAL A 141 -3.75 7.22 11.15
CA VAL A 141 -2.27 7.32 11.16
C VAL A 141 -1.56 5.97 11.38
N LYS A 142 -2.37 4.92 11.53
CA LYS A 142 -1.90 3.55 11.70
C LYS A 142 -3.13 2.69 11.46
N ASP A 143 -3.01 1.80 10.49
CA ASP A 143 -4.09 0.88 10.15
C ASP A 143 -3.45 -0.36 9.59
N SER A 144 -4.27 -1.27 9.10
CA SER A 144 -3.77 -2.51 8.51
C SER A 144 -3.07 -2.16 7.20
N ILE A 145 -3.05 -0.87 6.85
CA ILE A 145 -2.41 -0.41 5.62
C ILE A 145 -1.75 0.97 5.70
N GLN A 146 -1.08 1.32 4.62
CA GLN A 146 -0.37 2.59 4.53
C GLN A 146 -1.14 3.61 3.71
N TYR A 147 -1.50 4.73 4.34
CA TYR A 147 -2.23 5.78 3.66
C TYR A 147 -1.27 6.86 3.22
N LEU A 148 -1.61 7.56 2.16
CA LEU A 148 -0.70 8.57 1.65
C LEU A 148 -1.17 9.99 1.85
N ASP A 149 -2.35 10.15 2.42
CA ASP A 149 -2.87 11.48 2.64
C ASP A 149 -3.05 11.84 4.10
N SER A 150 -2.22 11.29 4.97
CA SER A 150 -2.30 11.63 6.39
C SER A 150 -1.80 13.09 6.47
N PRO A 151 -2.02 13.78 7.60
CA PRO A 151 -1.56 15.18 7.71
C PRO A 151 -0.05 15.35 7.65
N LYS A 152 0.36 16.39 6.92
CA LYS A 152 1.76 16.77 6.73
C LYS A 152 1.77 18.25 7.15
N LEU A 153 2.85 18.71 7.78
CA LEU A 153 2.90 20.10 8.21
C LEU A 153 4.11 20.79 7.62
N LEU A 154 3.86 21.91 6.95
CA LEU A 154 4.95 22.64 6.33
C LEU A 154 5.38 23.80 7.17
N ILE A 155 6.68 24.07 7.15
CA ILE A 155 7.21 25.18 7.92
C ILE A 155 8.30 25.91 7.18
N SER A 156 8.20 27.23 7.15
CA SER A 156 9.19 28.06 6.49
C SER A 156 9.65 29.18 7.41
N ILE A 157 10.91 29.11 7.81
CA ILE A 157 11.47 30.12 8.69
C ILE A 157 12.45 31.03 7.96
N THR A 158 12.35 32.32 8.25
CA THR A 158 13.22 33.32 7.67
C THR A 158 13.71 34.16 8.83
N ALA A 159 14.97 33.98 9.20
CA ALA A 159 15.55 34.70 10.33
C ALA A 159 16.29 35.98 9.99
N GLN A 160 16.63 36.71 11.05
CA GLN A 160 17.37 37.96 10.98
C GLN A 160 18.76 37.74 10.37
N PRO A 161 19.21 38.67 9.51
CA PRO A 161 20.53 38.47 8.91
C PRO A 161 21.51 38.36 10.07
N THR A 162 21.54 39.42 10.88
CA THR A 162 22.37 39.47 12.08
C THR A 162 21.56 38.64 13.08
N ALA A 163 21.74 37.33 12.99
CA ALA A 163 21.04 36.34 13.80
C ALA A 163 21.06 36.47 15.33
N PRO A 164 20.04 35.91 15.99
CA PRO A 164 19.90 35.93 17.45
C PRO A 164 20.75 34.83 18.07
N PRO A 165 21.08 34.98 19.37
CA PRO A 165 21.89 34.03 20.13
C PRO A 165 21.25 32.67 20.34
N ALA A 166 19.94 32.66 20.54
CA ALA A 166 19.23 31.41 20.77
C ALA A 166 17.94 31.32 19.98
N SER A 167 17.36 30.13 20.01
CA SER A 167 16.10 29.84 19.33
C SER A 167 15.13 31.00 19.67
N THR A 168 14.41 31.47 18.65
CA THR A 168 13.49 32.59 18.80
C THR A 168 12.06 32.22 19.13
N CYS A 169 11.77 30.95 19.01
CA CYS A 169 10.44 30.47 19.32
C CYS A 169 10.43 28.97 19.09
N ILE A 170 9.45 28.33 19.71
CA ILE A 170 9.30 26.90 19.60
C ILE A 170 8.05 26.52 18.85
N ILE A 171 8.14 25.43 18.10
CA ILE A 171 6.97 25.02 17.33
C ILE A 171 6.56 23.61 17.71
N THR A 172 5.34 23.50 18.23
CA THR A 172 4.80 22.22 18.63
C THR A 172 3.54 21.90 17.91
N VAL A 173 3.22 20.64 17.98
CA VAL A 173 2.04 20.11 17.37
C VAL A 173 1.33 19.33 18.42
N SER A 174 0.04 19.60 18.60
CA SER A 174 -0.68 18.89 19.59
C SER A 174 -1.96 18.33 18.98
N GLY A 175 -2.59 17.42 19.69
CA GLY A 175 -3.81 16.82 19.20
C GLY A 175 -4.21 15.65 20.07
N THR A 176 -5.16 14.88 19.59
CA THR A 176 -5.62 13.71 20.33
C THR A 176 -5.76 12.52 19.40
N LEU A 177 -5.39 11.37 19.92
CA LEU A 177 -5.43 10.12 19.18
C LEU A 177 -6.48 9.13 19.63
N SER A 178 -7.11 8.48 18.66
CA SER A 178 -8.12 7.49 18.96
C SER A 178 -7.60 6.16 18.46
N MET A 179 -7.10 5.36 19.39
CA MET A 179 -6.52 4.09 19.05
C MET A 179 -7.28 2.91 19.62
N HIS A 180 -7.28 1.79 18.88
CA HIS A 180 -7.95 0.57 19.32
C HIS A 180 -7.22 -0.64 18.78
N SER A 181 -7.62 -1.83 19.25
CA SER A 181 -7.00 -3.07 18.78
C SER A 181 -5.51 -3.08 19.08
N PRO A 182 -5.11 -3.80 20.13
CA PRO A 182 -3.73 -3.96 20.61
C PRO A 182 -2.75 -4.60 19.65
N LEU A 183 -1.57 -4.00 19.55
CA LEU A 183 -0.51 -4.52 18.72
C LEU A 183 0.35 -5.32 19.69
N ILE A 184 0.47 -6.63 19.43
CA ILE A 184 1.22 -7.51 20.30
C ILE A 184 2.73 -7.39 20.12
N THR A 185 3.41 -6.78 21.09
CA THR A 185 4.84 -6.66 21.00
C THR A 185 5.48 -6.79 22.39
N ASP A 186 6.75 -6.41 22.43
CA ASP A 186 7.53 -6.46 23.66
C ASP A 186 7.12 -5.26 24.50
N THR A 187 6.24 -5.55 25.45
CA THR A 187 5.70 -4.57 26.37
C THR A 187 6.74 -4.13 27.42
N SER A 188 7.68 -5.01 27.74
CA SER A 188 8.72 -4.76 28.74
C SER A 188 9.17 -3.31 28.89
N THR A 189 9.37 -2.63 27.77
CA THR A 189 9.82 -1.24 27.84
C THR A 189 9.61 -0.56 26.48
N MET B 1 -28.28 3.35 -40.12
CA MET B 1 -27.20 3.30 -41.15
C MET B 1 -25.80 3.13 -40.54
N GLU B 2 -24.78 3.03 -41.40
CA GLU B 2 -23.40 2.83 -40.95
C GLU B 2 -22.91 3.95 -40.00
N ILE B 3 -22.01 3.58 -39.12
CA ILE B 3 -21.40 4.47 -38.13
C ILE B 3 -19.89 4.25 -38.26
N ASP B 4 -19.14 5.30 -38.57
CA ASP B 4 -17.70 5.17 -38.75
C ASP B 4 -16.91 4.82 -37.50
N LYS B 5 -17.49 4.04 -36.60
CA LYS B 5 -16.78 3.61 -35.40
C LYS B 5 -17.03 2.12 -35.21
N GLU B 6 -16.00 1.32 -35.48
CA GLU B 6 -16.05 -0.14 -35.40
C GLU B 6 -15.29 -0.57 -34.15
N LEU B 7 -15.70 -1.67 -33.51
CA LEU B 7 -15.02 -2.07 -32.28
C LEU B 7 -14.71 -3.55 -32.07
N ALA B 8 -13.68 -3.82 -31.29
CA ALA B 8 -13.27 -5.17 -30.97
C ALA B 8 -13.18 -5.31 -29.47
N PRO B 9 -14.25 -5.81 -28.86
CA PRO B 9 -14.25 -5.96 -27.40
C PRO B 9 -13.25 -7.03 -27.05
N GLN B 10 -12.69 -6.91 -25.84
CA GLN B 10 -11.69 -7.85 -25.36
C GLN B 10 -12.32 -9.12 -24.80
N ASP B 11 -11.76 -10.28 -25.14
CA ASP B 11 -12.27 -11.55 -24.62
C ASP B 11 -12.15 -11.39 -23.09
N ARG B 12 -13.13 -11.85 -22.30
CA ARG B 12 -13.03 -11.66 -20.83
C ARG B 12 -13.48 -12.77 -19.90
N THR B 13 -13.24 -12.57 -18.60
CA THR B 13 -13.65 -13.51 -17.54
C THR B 13 -13.74 -12.84 -16.16
N VAL B 14 -14.44 -13.51 -15.25
CA VAL B 14 -14.69 -13.03 -13.89
C VAL B 14 -13.49 -12.92 -12.94
N THR B 15 -13.00 -11.72 -12.74
CA THR B 15 -11.89 -11.46 -11.81
C THR B 15 -12.11 -10.05 -11.28
N VAL B 16 -11.96 -9.84 -9.98
CA VAL B 16 -12.29 -8.53 -9.43
C VAL B 16 -11.39 -7.95 -8.35
N ALA B 17 -11.42 -6.62 -8.20
CA ALA B 17 -10.61 -5.92 -7.20
C ALA B 17 -11.34 -5.62 -5.89
N THR B 18 -10.63 -5.02 -4.94
CA THR B 18 -11.20 -4.66 -3.63
C THR B 18 -10.89 -3.19 -3.36
N VAL B 19 -11.80 -2.48 -2.68
CA VAL B 19 -11.65 -1.06 -2.38
C VAL B 19 -12.14 -0.64 -1.00
N LEU B 20 -11.69 0.51 -0.51
CA LEU B 20 -12.13 0.99 0.80
C LEU B 20 -13.23 2.06 0.71
N PRO B 21 -14.19 2.01 1.64
CA PRO B 21 -15.31 2.96 1.69
C PRO B 21 -15.04 4.18 2.58
N THR B 22 -15.11 5.38 2.01
CA THR B 22 -14.89 6.60 2.79
C THR B 22 -15.84 6.53 3.99
N VAL B 23 -15.38 6.98 5.16
CA VAL B 23 -16.19 6.93 6.39
C VAL B 23 -17.67 7.29 6.20
N PRO B 24 -18.58 6.51 6.83
CA PRO B 24 -20.02 6.76 6.71
C PRO B 24 -20.44 8.20 7.06
N GLY B 25 -21.70 8.53 6.75
CA GLY B 25 -22.18 9.86 7.04
C GLY B 25 -22.59 10.67 5.82
N PRO B 26 -22.13 11.93 5.72
CA PRO B 26 -22.48 12.78 4.58
C PRO B 26 -21.75 12.41 3.28
N SER B 27 -22.51 12.02 2.27
CA SER B 27 -21.93 11.68 0.97
C SER B 27 -21.22 12.93 0.43
N PRO B 28 -19.94 12.81 0.03
CA PRO B 28 -19.26 14.01 -0.47
C PRO B 28 -19.66 14.37 -1.90
N PHE B 29 -19.56 15.66 -2.20
CA PHE B 29 -19.90 16.20 -3.52
C PHE B 29 -18.83 15.67 -4.47
N THR B 30 -19.28 15.18 -5.62
CA THR B 30 -18.36 14.65 -6.61
C THR B 30 -18.65 15.22 -7.98
N ILE B 31 -17.64 15.21 -8.84
CA ILE B 31 -17.79 15.67 -10.23
C ILE B 31 -17.31 14.55 -11.09
N LYS B 32 -17.72 14.60 -12.34
CA LYS B 32 -17.34 13.64 -13.35
C LYS B 32 -16.65 14.52 -14.41
N GLN B 33 -15.50 14.07 -14.91
CA GLN B 33 -14.74 14.77 -15.94
C GLN B 33 -14.25 13.71 -16.93
N PRO B 34 -14.52 13.92 -18.23
CA PRO B 34 -14.14 13.06 -19.35
C PRO B 34 -12.86 13.53 -20.02
N PHE B 35 -12.35 12.75 -20.98
CA PHE B 35 -11.11 13.14 -21.62
C PHE B 35 -10.70 12.20 -22.74
N GLN B 36 -9.73 12.65 -23.52
CA GLN B 36 -9.16 11.87 -24.59
C GLN B 36 -7.69 12.22 -24.52
N SER B 37 -6.84 11.21 -24.42
CA SER B 37 -5.42 11.46 -24.32
C SER B 37 -4.64 10.84 -25.47
N GLU B 38 -3.83 11.67 -26.11
CA GLU B 38 -2.98 11.22 -27.20
C GLU B 38 -1.96 10.34 -26.53
N VAL B 39 -1.97 9.05 -26.85
CA VAL B 39 -1.01 8.16 -26.23
C VAL B 39 0.03 7.62 -27.20
N LEU B 40 -0.26 7.64 -28.50
CA LEU B 40 0.73 7.16 -29.45
C LEU B 40 0.53 7.44 -30.93
N PHE B 41 1.61 7.85 -31.60
CA PHE B 41 1.61 8.15 -33.03
C PHE B 41 2.34 7.06 -33.81
N ALA B 42 1.69 5.92 -33.91
CA ALA B 42 2.29 4.77 -34.57
C ALA B 42 2.34 4.77 -36.08
N GLY B 43 3.12 3.82 -36.60
CA GLY B 43 3.24 3.63 -38.02
C GLY B 43 4.64 3.77 -38.56
N THR B 44 5.34 4.80 -38.09
CA THR B 44 6.68 5.12 -38.53
C THR B 44 7.75 4.06 -38.29
N LYS B 45 7.69 3.41 -37.13
CA LYS B 45 8.66 2.39 -36.77
C LYS B 45 8.02 1.49 -35.73
N ASP B 46 8.57 0.28 -35.56
CA ASP B 46 8.01 -0.62 -34.57
C ASP B 46 8.24 0.05 -33.23
N ALA B 47 7.39 -0.28 -32.26
CA ALA B 47 7.54 0.27 -30.92
C ALA B 47 6.52 -0.36 -30.01
N GLU B 48 6.77 -0.29 -28.71
CA GLU B 48 5.87 -0.86 -27.73
C GLU B 48 5.62 0.18 -26.63
N ALA B 49 4.60 -0.06 -25.79
CA ALA B 49 4.26 0.85 -24.69
C ALA B 49 3.45 0.20 -23.56
N SER B 50 3.90 0.40 -22.32
CA SER B 50 3.24 -0.14 -21.13
C SER B 50 2.75 1.09 -20.40
N LEU B 51 1.45 1.31 -20.40
CA LEU B 51 0.89 2.51 -19.79
C LEU B 51 0.03 2.39 -18.58
N THR B 52 0.63 2.73 -17.44
CA THR B 52 -0.09 2.70 -16.19
C THR B 52 -1.01 3.90 -16.31
N ILE B 53 -2.27 3.64 -16.60
CA ILE B 53 -3.24 4.71 -16.80
C ILE B 53 -3.23 5.85 -15.80
N ALA B 54 -3.43 5.49 -14.54
CA ALA B 54 -3.47 6.47 -13.47
C ALA B 54 -2.56 7.67 -13.66
N ASN B 55 -1.44 7.50 -14.36
CA ASN B 55 -0.55 8.62 -14.57
C ASN B 55 -0.27 8.91 -16.04
N ILE B 56 -1.24 9.52 -16.70
CA ILE B 56 -1.10 9.90 -18.10
C ILE B 56 -1.53 11.35 -18.13
N ASP B 57 -0.76 12.19 -18.82
CA ASP B 57 -1.06 13.62 -18.92
C ASP B 57 -2.49 13.97 -18.55
N SER B 58 -3.46 13.52 -19.36
CA SER B 58 -4.85 13.80 -19.08
C SER B 58 -5.32 13.47 -17.67
N VAL B 59 -5.19 12.22 -17.28
CA VAL B 59 -5.64 11.79 -15.95
C VAL B 59 -4.87 12.52 -14.85
N SER B 60 -3.55 12.32 -14.84
CA SER B 60 -2.70 12.95 -13.84
C SER B 60 -3.28 14.32 -13.62
N THR B 61 -3.19 15.10 -14.69
CA THR B 61 -3.69 16.45 -14.72
C THR B 61 -4.99 16.59 -13.94
N LEU B 62 -6.07 16.08 -14.50
CA LEU B 62 -7.39 16.15 -13.88
C LEU B 62 -7.43 15.94 -12.38
N THR B 63 -6.98 14.75 -11.98
CA THR B 63 -6.96 14.31 -10.59
C THR B 63 -6.11 15.05 -9.60
N THR B 64 -5.12 15.79 -10.08
CA THR B 64 -4.24 16.48 -9.14
C THR B 64 -4.90 17.39 -8.13
N PHE B 65 -6.22 17.32 -8.00
CA PHE B 65 -6.88 18.17 -7.03
C PHE B 65 -7.80 17.43 -6.11
N TYR B 66 -7.77 16.11 -6.19
CA TYR B 66 -8.66 15.33 -5.36
C TYR B 66 -7.92 14.21 -4.66
N ARG B 67 -8.40 13.87 -3.48
CA ARG B 67 -7.81 12.79 -2.69
C ARG B 67 -8.25 11.44 -3.30
N HIS B 68 -9.53 11.34 -3.69
CA HIS B 68 -10.08 10.12 -4.28
C HIS B 68 -10.60 10.41 -5.69
N ALA B 69 -10.32 9.49 -6.62
CA ALA B 69 -10.77 9.63 -8.01
C ALA B 69 -10.90 8.27 -8.67
N SER B 70 -12.11 7.97 -9.13
CA SER B 70 -12.41 6.69 -9.77
C SER B 70 -12.75 6.81 -11.27
N LEU B 71 -12.62 5.69 -11.97
CA LEU B 71 -12.91 5.62 -13.39
C LEU B 71 -14.33 5.13 -13.63
N GLU B 72 -15.07 5.76 -14.54
CA GLU B 72 -16.44 5.31 -14.79
C GLU B 72 -16.57 4.62 -16.14
N SER B 73 -15.65 4.93 -17.04
CA SER B 73 -15.64 4.31 -18.36
C SER B 73 -14.25 4.54 -18.93
N LEU B 74 -13.76 3.58 -19.68
CA LEU B 74 -12.43 3.69 -20.25
C LEU B 74 -12.31 2.85 -21.49
N TRP B 75 -11.56 3.35 -22.46
CA TRP B 75 -11.35 2.63 -23.70
C TRP B 75 -10.30 3.27 -24.57
N VAL B 76 -9.81 2.50 -25.52
CA VAL B 76 -8.82 3.04 -26.40
C VAL B 76 -9.32 2.97 -27.84
N THR B 77 -9.06 4.05 -28.55
CA THR B 77 -9.46 4.15 -29.93
C THR B 77 -8.22 4.20 -30.78
N ILE B 78 -8.29 3.60 -31.95
CA ILE B 78 -7.16 3.63 -32.86
C ILE B 78 -7.58 4.36 -34.09
N HIS B 79 -7.23 5.63 -34.18
CA HIS B 79 -7.64 6.41 -35.32
C HIS B 79 -6.65 6.28 -36.45
N PRO B 80 -7.09 5.70 -37.58
CA PRO B 80 -6.21 5.52 -38.73
C PRO B 80 -5.99 6.84 -39.42
N THR B 81 -4.73 7.11 -39.78
CA THR B 81 -4.34 8.35 -40.45
C THR B 81 -4.45 8.20 -41.95
N LEU B 82 -4.10 9.24 -42.71
CA LEU B 82 -4.18 9.19 -44.17
C LEU B 82 -3.08 8.35 -44.81
N GLN B 83 -2.22 7.82 -43.97
CA GLN B 83 -1.12 7.02 -44.45
C GLN B 83 -1.48 5.56 -44.37
N ALA B 84 -2.52 5.28 -43.61
CA ALA B 84 -2.96 3.91 -43.42
C ALA B 84 -3.17 3.16 -44.74
N PRO B 85 -3.94 3.74 -45.65
CA PRO B 85 -4.17 3.05 -46.92
C PRO B 85 -2.92 2.52 -47.63
N ALA B 86 -1.89 3.34 -47.70
CA ALA B 86 -0.69 2.92 -48.39
C ALA B 86 0.25 2.15 -47.49
N PHE B 87 0.00 2.18 -46.19
CA PHE B 87 0.90 1.52 -45.27
C PHE B 87 0.30 0.67 -44.15
N PRO B 88 -0.05 -0.58 -44.47
CA PRO B 88 -0.61 -1.46 -43.45
C PRO B 88 0.29 -1.44 -42.23
N THR B 89 -0.30 -1.55 -41.05
CA THR B 89 0.45 -1.54 -39.81
C THR B 89 -0.12 -2.51 -38.80
N THR B 90 0.73 -3.30 -38.17
CA THR B 90 0.24 -4.26 -37.18
C THR B 90 0.21 -3.56 -35.82
N VAL B 91 -0.94 -3.66 -35.17
CA VAL B 91 -1.11 -3.03 -33.88
C VAL B 91 -1.74 -3.99 -32.90
N GLY B 92 -1.04 -4.24 -31.81
CA GLY B 92 -1.57 -5.16 -30.83
C GLY B 92 -1.88 -4.40 -29.58
N VAL B 93 -2.91 -4.82 -28.87
CA VAL B 93 -3.27 -4.15 -27.65
C VAL B 93 -3.90 -5.04 -26.59
N CYS B 94 -3.74 -4.63 -25.34
CA CYS B 94 -4.29 -5.39 -24.24
C CYS B 94 -4.46 -4.61 -22.96
N TRP B 95 -5.61 -4.79 -22.33
CA TRP B 95 -5.93 -4.13 -21.07
C TRP B 95 -5.48 -5.08 -19.96
N VAL B 96 -4.85 -4.54 -18.94
CA VAL B 96 -4.34 -5.37 -17.87
C VAL B 96 -4.14 -4.64 -16.56
N PRO B 97 -4.37 -5.32 -15.44
CA PRO B 97 -4.16 -4.64 -14.15
C PRO B 97 -2.68 -4.31 -13.93
N ALA B 98 -2.45 -3.07 -13.50
CA ALA B 98 -1.11 -2.56 -13.26
C ALA B 98 0.00 -3.56 -12.99
N GLN B 99 -0.19 -4.38 -11.95
CA GLN B 99 0.84 -5.34 -11.57
C GLN B 99 0.91 -6.67 -12.34
N SER B 100 0.34 -6.71 -13.54
CA SER B 100 0.47 -7.91 -14.34
C SER B 100 1.81 -7.76 -15.06
N PRO B 101 2.74 -8.70 -14.84
CA PRO B 101 4.11 -8.83 -15.35
C PRO B 101 4.32 -8.83 -16.85
N VAL B 102 3.24 -8.59 -17.58
CA VAL B 102 3.34 -8.61 -19.03
C VAL B 102 4.01 -7.46 -19.75
N THR B 103 4.68 -7.81 -20.84
CA THR B 103 5.35 -6.85 -21.69
C THR B 103 4.53 -6.88 -23.00
N PRO B 104 4.53 -5.77 -23.75
CA PRO B 104 3.79 -5.68 -25.01
C PRO B 104 4.12 -6.79 -25.99
N THR B 105 5.34 -7.29 -25.92
CA THR B 105 5.76 -8.35 -26.82
C THR B 105 4.95 -9.62 -26.53
N GLN B 106 4.50 -9.76 -25.28
CA GLN B 106 3.74 -10.94 -24.93
C GLN B 106 2.23 -10.77 -25.03
N ILE B 107 1.76 -9.81 -25.81
CA ILE B 107 0.32 -9.59 -25.90
C ILE B 107 -0.40 -10.86 -26.32
N THR B 108 0.22 -11.57 -27.24
CA THR B 108 -0.37 -12.79 -27.73
C THR B 108 -0.38 -13.96 -26.75
N LYS B 109 0.48 -13.95 -25.74
CA LYS B 109 0.52 -15.04 -24.78
C LYS B 109 -0.46 -14.78 -23.63
N THR B 110 -0.98 -13.57 -23.64
CA THR B 110 -1.95 -13.08 -22.64
C THR B 110 -3.38 -13.20 -23.15
N TYR B 111 -4.27 -13.68 -22.29
CA TYR B 111 -5.67 -13.89 -22.60
C TYR B 111 -6.38 -12.89 -23.53
N GLY B 112 -6.80 -11.75 -22.99
CA GLY B 112 -7.50 -10.76 -23.77
C GLY B 112 -6.83 -10.20 -25.01
N GLY B 113 -5.53 -9.91 -24.90
CA GLY B 113 -4.76 -9.34 -25.99
C GLY B 113 -5.14 -9.71 -27.40
N GLN B 114 -5.11 -8.71 -28.28
CA GLN B 114 -5.43 -8.92 -29.70
C GLN B 114 -4.57 -8.08 -30.62
N ILE B 115 -4.52 -8.46 -31.89
CA ILE B 115 -3.74 -7.69 -32.85
C ILE B 115 -4.52 -7.39 -34.13
N PHE B 116 -4.27 -6.21 -34.67
CA PHE B 116 -4.98 -5.81 -35.85
C PHE B 116 -4.10 -5.34 -36.97
N CYS B 117 -4.62 -5.49 -38.18
CA CYS B 117 -3.90 -5.03 -39.35
C CYS B 117 -4.61 -3.78 -39.77
N ILE B 118 -4.00 -2.65 -39.48
CA ILE B 118 -4.59 -1.36 -39.82
C ILE B 118 -4.01 -0.82 -41.10
N GLY B 119 -4.87 -0.54 -42.05
CA GLY B 119 -4.35 0.00 -43.28
C GLY B 119 -4.55 -0.92 -44.45
N GLY B 120 -4.04 -0.50 -45.60
CA GLY B 120 -4.18 -1.28 -46.82
C GLY B 120 -5.45 -0.85 -47.52
N ALA B 121 -5.40 -0.66 -48.83
CA ALA B 121 -6.56 -0.22 -49.58
C ALA B 121 -7.78 -1.15 -49.45
N ILE B 122 -7.53 -2.40 -49.04
CA ILE B 122 -8.61 -3.38 -48.88
C ILE B 122 -9.27 -3.49 -47.48
N GLN B 123 -8.66 -2.89 -46.44
CA GLN B 123 -9.24 -2.94 -45.09
C GLN B 123 -10.05 -1.66 -44.89
N THR B 124 -10.85 -1.65 -43.83
CA THR B 124 -11.65 -0.47 -43.53
C THR B 124 -10.94 0.40 -42.50
N LEU B 125 -11.08 1.70 -42.66
CA LEU B 125 -10.41 2.63 -41.77
C LEU B 125 -11.24 3.12 -40.62
N SER B 126 -12.30 2.37 -40.33
CA SER B 126 -13.15 2.73 -39.24
C SER B 126 -12.26 2.64 -38.01
N PRO B 127 -12.30 3.68 -37.16
CA PRO B 127 -11.54 3.78 -35.93
C PRO B 127 -11.85 2.59 -35.05
N LEU B 128 -10.83 2.00 -34.45
CA LEU B 128 -11.02 0.83 -33.61
C LEU B 128 -11.13 1.10 -32.14
N ILE B 129 -12.05 0.39 -31.50
CA ILE B 129 -12.25 0.60 -30.09
C ILE B 129 -12.24 -0.61 -29.20
N VAL B 130 -11.40 -0.55 -28.20
CA VAL B 130 -11.35 -1.64 -27.25
C VAL B 130 -11.72 -1.06 -25.89
N LYS B 131 -13.01 -1.06 -25.63
CA LYS B 131 -13.53 -0.58 -24.37
C LYS B 131 -12.80 -1.41 -23.33
N CYS B 132 -12.29 -0.77 -22.30
CA CYS B 132 -11.58 -1.47 -21.26
C CYS B 132 -12.60 -1.97 -20.27
N PRO B 133 -12.46 -3.23 -19.82
CA PRO B 133 -13.36 -3.90 -18.87
C PRO B 133 -12.94 -3.64 -17.42
N LEU B 134 -13.36 -2.51 -16.88
CA LEU B 134 -12.98 -2.15 -15.53
C LEU B 134 -13.53 -3.15 -14.54
N GLU B 135 -14.47 -3.95 -15.02
CA GLU B 135 -15.09 -5.00 -14.22
C GLU B 135 -13.93 -5.90 -13.75
N MET B 136 -12.97 -6.07 -14.65
CA MET B 136 -11.77 -6.88 -14.48
C MET B 136 -10.65 -6.21 -13.70
N MET B 137 -10.80 -4.92 -13.44
CA MET B 137 -9.74 -4.24 -12.74
C MET B 137 -10.14 -3.47 -11.53
N GLN B 138 -9.20 -2.60 -11.18
CA GLN B 138 -9.30 -1.71 -10.07
C GLN B 138 -9.44 -0.35 -10.71
N PRO B 139 -10.68 0.18 -10.74
CA PRO B 139 -11.12 1.46 -11.29
C PRO B 139 -10.60 2.72 -10.60
N ARG B 140 -10.24 2.59 -9.33
CA ARG B 140 -9.73 3.73 -8.59
C ARG B 140 -8.32 4.07 -9.04
N VAL B 141 -8.10 5.28 -9.54
CA VAL B 141 -6.77 5.68 -9.97
C VAL B 141 -6.09 6.60 -8.95
N LYS B 142 -6.86 7.02 -7.96
CA LYS B 142 -6.35 7.85 -6.90
C LYS B 142 -7.21 7.62 -5.67
N ASP B 143 -6.58 7.19 -4.59
CA ASP B 143 -7.29 6.97 -3.33
C ASP B 143 -6.38 7.30 -2.17
N SER B 144 -6.89 7.09 -0.96
CA SER B 144 -6.12 7.36 0.24
C SER B 144 -4.94 6.38 0.28
N ILE B 145 -4.99 5.39 -0.63
CA ILE B 145 -3.95 4.38 -0.74
C ILE B 145 -3.52 4.05 -2.16
N GLN B 146 -2.54 3.16 -2.27
CA GLN B 146 -1.99 2.78 -3.56
C GLN B 146 -2.42 1.40 -4.03
N TYR B 147 -3.49 1.31 -4.82
CA TYR B 147 -3.92 0.01 -5.33
C TYR B 147 -2.91 -0.33 -6.40
N LEU B 148 -2.71 -1.61 -6.67
CA LEU B 148 -1.71 -2.01 -7.66
C LEU B 148 -2.29 -2.73 -8.85
N ASP B 149 -3.61 -2.73 -8.96
CA ASP B 149 -4.27 -3.39 -10.06
C ASP B 149 -5.14 -2.42 -10.83
N SER B 150 -4.69 -1.17 -10.90
CA SER B 150 -5.41 -0.17 -11.66
C SER B 150 -5.15 -0.58 -13.14
N PRO B 151 -5.87 0.00 -14.10
CA PRO B 151 -5.65 -0.37 -15.50
C PRO B 151 -4.32 0.02 -16.10
N LYS B 152 -3.73 -0.93 -16.82
CA LYS B 152 -2.44 -0.80 -17.52
C LYS B 152 -2.78 -1.10 -18.98
N LEU B 153 -2.22 -0.33 -19.91
CA LEU B 153 -2.50 -0.57 -21.32
C LEU B 153 -1.24 -1.02 -22.04
N LEU B 154 -1.36 -2.08 -22.80
CA LEU B 154 -0.22 -2.58 -23.55
C LEU B 154 -0.47 -2.39 -25.01
N ILE B 155 0.53 -1.88 -25.72
CA ILE B 155 0.42 -1.63 -27.15
C ILE B 155 1.70 -2.01 -27.88
N SER B 156 1.55 -2.74 -28.98
CA SER B 156 2.68 -3.16 -29.77
C SER B 156 2.49 -2.73 -31.22
N ILE B 157 3.51 -2.10 -31.79
CA ILE B 157 3.43 -1.63 -33.17
C ILE B 157 4.47 -2.27 -34.07
N THR B 158 4.00 -2.85 -35.16
CA THR B 158 4.88 -3.49 -36.14
C THR B 158 4.66 -2.69 -37.42
N ALA B 159 5.64 -1.85 -37.75
CA ALA B 159 5.54 -1.00 -38.93
C ALA B 159 6.17 -1.59 -40.19
N GLN B 160 5.73 -1.07 -41.33
CA GLN B 160 6.23 -1.50 -42.64
C GLN B 160 7.75 -1.36 -42.74
N PRO B 161 8.41 -2.34 -43.38
CA PRO B 161 9.87 -2.28 -43.54
C PRO B 161 10.20 -0.99 -44.28
N THR B 162 9.57 -0.83 -45.44
CA THR B 162 9.73 0.38 -46.25
C THR B 162 8.71 1.32 -45.61
N ALA B 163 9.09 1.84 -44.45
CA ALA B 163 8.26 2.73 -43.65
C ALA B 163 7.70 3.97 -44.34
N PRO B 164 6.57 4.49 -43.83
CA PRO B 164 5.83 5.66 -44.28
C PRO B 164 6.39 6.96 -43.74
N PRO B 165 6.18 8.06 -44.48
CA PRO B 165 6.61 9.43 -44.18
C PRO B 165 6.25 9.90 -42.79
N ALA B 166 5.08 9.50 -42.33
CA ALA B 166 4.65 9.88 -41.00
C ALA B 166 3.69 8.91 -40.36
N SER B 167 3.45 9.16 -39.08
CA SER B 167 2.54 8.41 -38.23
C SER B 167 1.31 7.90 -39.05
N THR B 168 1.11 6.59 -39.05
CA THR B 168 0.05 5.93 -39.81
C THR B 168 -1.28 5.86 -39.10
N CYS B 169 -1.28 6.13 -37.82
CA CYS B 169 -2.52 6.10 -37.07
C CYS B 169 -2.25 6.54 -35.63
N ILE B 170 -3.29 7.10 -35.02
CA ILE B 170 -3.23 7.64 -33.68
C ILE B 170 -3.98 6.84 -32.68
N ILE B 171 -3.37 6.67 -31.51
CA ILE B 171 -4.04 5.94 -30.47
C ILE B 171 -4.31 6.88 -29.33
N THR B 172 -5.59 7.01 -28.98
CA THR B 172 -5.96 7.85 -27.89
C THR B 172 -6.75 7.00 -26.95
N VAL B 173 -6.81 7.43 -25.70
CA VAL B 173 -7.55 6.72 -24.68
C VAL B 173 -8.49 7.74 -24.07
N SER B 174 -9.78 7.44 -24.12
CA SER B 174 -10.77 8.33 -23.58
C SER B 174 -11.47 7.64 -22.45
N GLY B 175 -12.08 8.44 -21.58
CA GLY B 175 -12.80 7.89 -20.45
C GLY B 175 -13.46 9.02 -19.67
N THR B 176 -14.00 8.67 -18.51
CA THR B 176 -14.65 9.65 -17.64
C THR B 176 -14.28 9.31 -16.19
N LEU B 177 -13.95 10.35 -15.40
CA LEU B 177 -13.57 10.18 -14.00
C LEU B 177 -14.56 10.72 -13.01
N SER B 178 -14.57 10.14 -11.81
CA SER B 178 -15.47 10.57 -10.75
C SER B 178 -14.65 10.85 -9.51
N MET B 179 -14.25 12.10 -9.34
CA MET B 179 -13.45 12.46 -8.19
C MET B 179 -14.21 13.20 -7.11
N HIS B 180 -13.56 13.36 -5.95
CA HIS B 180 -14.17 14.03 -4.81
C HIS B 180 -13.16 14.28 -3.71
N SER B 181 -13.57 15.03 -2.68
CA SER B 181 -12.72 15.38 -1.55
C SER B 181 -11.40 15.92 -2.10
N PRO B 182 -11.29 17.24 -2.21
CA PRO B 182 -10.12 17.95 -2.72
C PRO B 182 -8.83 17.88 -1.93
N LEU B 183 -7.75 17.92 -2.71
CA LEU B 183 -6.39 17.88 -2.25
C LEU B 183 -5.89 19.31 -2.17
N ILE B 184 -5.37 19.72 -1.01
CA ILE B 184 -4.84 21.09 -0.87
C ILE B 184 -3.51 21.13 -1.60
N THR B 185 -3.30 22.16 -2.42
CA THR B 185 -2.04 22.25 -3.14
C THR B 185 -1.88 23.63 -3.77
N ASP B 186 -0.83 23.79 -4.57
CA ASP B 186 -0.58 25.06 -5.23
C ASP B 186 -1.61 25.25 -6.32
N THR B 187 -2.66 25.95 -5.95
CA THR B 187 -3.76 26.25 -6.84
C THR B 187 -3.26 27.23 -7.90
N SER B 188 -2.21 27.98 -7.55
CA SER B 188 -1.60 28.96 -8.44
C SER B 188 -1.83 28.68 -9.92
N THR B 189 -0.86 28.01 -10.55
CA THR B 189 -0.95 27.68 -11.97
C THR B 189 -0.29 26.33 -12.22
N MET C 1 -8.35 -44.02 22.92
CA MET C 1 -7.34 -43.94 21.84
C MET C 1 -6.42 -42.73 21.97
N GLU C 2 -5.12 -42.98 21.82
CA GLU C 2 -4.11 -41.93 21.91
C GLU C 2 -3.86 -41.28 20.56
N ILE C 3 -3.39 -40.04 20.60
CA ILE C 3 -3.07 -39.29 19.39
C ILE C 3 -1.70 -38.70 19.62
N ASP C 4 -0.81 -38.86 18.64
CA ASP C 4 0.54 -38.36 18.78
C ASP C 4 0.62 -36.84 18.73
N LYS C 5 0.34 -36.25 17.58
CA LYS C 5 0.39 -34.80 17.44
C LYS C 5 -0.23 -34.05 18.63
N GLU C 6 0.65 -33.60 19.53
CA GLU C 6 0.28 -32.85 20.72
C GLU C 6 0.39 -31.36 20.40
N LEU C 7 -0.42 -30.54 21.05
CA LEU C 7 -0.37 -29.11 20.76
C LEU C 7 -0.58 -28.23 21.99
N ALA C 8 -0.09 -27.00 21.90
CA ALA C 8 -0.22 -26.02 22.97
C ALA C 8 -0.52 -24.67 22.34
N PRO C 9 -1.81 -24.27 22.35
CA PRO C 9 -2.25 -22.99 21.78
C PRO C 9 -1.63 -21.78 22.47
N GLN C 10 -1.70 -20.63 21.81
CA GLN C 10 -1.13 -19.40 22.33
C GLN C 10 -2.12 -18.54 23.09
N ASP C 11 -1.64 -17.86 24.13
CA ASP C 11 -2.49 -16.97 24.92
C ASP C 11 -3.02 -15.97 23.91
N ARG C 12 -4.24 -15.48 24.10
CA ARG C 12 -4.81 -14.55 23.13
C ARG C 12 -5.74 -13.49 23.69
N THR C 13 -6.00 -12.49 22.86
CA THR C 13 -6.90 -11.39 23.19
C THR C 13 -7.43 -10.82 21.88
N VAL C 14 -8.48 -10.03 21.96
CA VAL C 14 -9.09 -9.45 20.77
C VAL C 14 -8.36 -8.26 20.17
N THR C 15 -8.13 -8.32 18.87
CA THR C 15 -7.48 -7.27 18.10
C THR C 15 -7.77 -7.60 16.64
N VAL C 16 -8.56 -6.76 15.99
CA VAL C 16 -8.94 -6.98 14.60
C VAL C 16 -8.18 -6.12 13.61
N ALA C 17 -8.07 -6.63 12.39
CA ALA C 17 -7.40 -5.94 11.30
C ALA C 17 -8.46 -5.54 10.29
N THR C 18 -8.31 -4.37 9.68
CA THR C 18 -9.27 -3.91 8.70
C THR C 18 -8.88 -4.35 7.28
N VAL C 19 -9.79 -5.07 6.62
CA VAL C 19 -9.55 -5.56 5.25
C VAL C 19 -10.44 -4.89 4.22
N LEU C 20 -10.08 -5.01 2.96
CA LEU C 20 -10.84 -4.41 1.87
C LEU C 20 -11.98 -5.28 1.36
N PRO C 21 -13.20 -4.74 1.32
CA PRO C 21 -14.40 -5.45 0.85
C PRO C 21 -14.44 -5.48 -0.67
N THR C 22 -14.76 -6.64 -1.23
CA THR C 22 -14.85 -6.80 -2.68
C THR C 22 -15.84 -5.79 -3.26
N VAL C 23 -15.48 -5.19 -4.38
CA VAL C 23 -16.36 -4.21 -5.02
C VAL C 23 -17.66 -4.89 -5.40
N PRO C 24 -18.76 -4.12 -5.46
CA PRO C 24 -20.04 -4.73 -5.83
C PRO C 24 -20.00 -5.41 -7.19
N GLY C 25 -20.66 -6.56 -7.29
CA GLY C 25 -20.69 -7.29 -8.54
C GLY C 25 -20.92 -8.78 -8.36
N PRO C 26 -20.41 -9.60 -9.29
CA PRO C 26 -20.55 -11.06 -9.25
C PRO C 26 -19.52 -11.71 -8.33
N SER C 27 -19.97 -12.66 -7.51
CA SER C 27 -19.06 -13.35 -6.62
C SER C 27 -18.28 -14.37 -7.43
N PRO C 28 -16.94 -14.21 -7.47
CA PRO C 28 -16.07 -15.11 -8.22
C PRO C 28 -15.88 -16.48 -7.56
N PHE C 29 -15.71 -17.50 -8.40
CA PHE C 29 -15.51 -18.85 -7.90
C PHE C 29 -14.20 -18.86 -7.12
N THR C 30 -14.15 -19.67 -6.06
CA THR C 30 -12.95 -19.74 -5.26
C THR C 30 -12.54 -21.17 -4.90
N ILE C 31 -11.24 -21.39 -4.78
CA ILE C 31 -10.69 -22.70 -4.45
C ILE C 31 -9.70 -22.62 -3.30
N LYS C 32 -9.58 -23.73 -2.56
CA LYS C 32 -8.66 -23.78 -1.44
C LYS C 32 -7.41 -24.58 -1.85
N GLN C 33 -6.29 -24.29 -1.19
CA GLN C 33 -5.03 -24.97 -1.47
C GLN C 33 -4.20 -25.10 -0.19
N PRO C 34 -3.92 -26.34 0.24
CA PRO C 34 -3.13 -26.59 1.46
C PRO C 34 -1.63 -26.49 1.19
N PHE C 35 -0.82 -26.78 2.20
CA PHE C 35 0.63 -26.71 2.06
C PHE C 35 1.35 -26.93 3.38
N GLN C 36 2.65 -27.16 3.27
CA GLN C 36 3.52 -27.34 4.43
C GLN C 36 4.88 -26.87 3.95
N SER C 37 5.41 -25.85 4.60
CA SER C 37 6.70 -25.31 4.20
C SER C 37 7.76 -25.47 5.27
N GLU C 38 8.91 -26.00 4.86
CA GLU C 38 10.03 -26.20 5.76
C GLU C 38 10.43 -24.84 6.34
N VAL C 39 10.41 -24.73 7.66
CA VAL C 39 10.76 -23.47 8.32
C VAL C 39 12.20 -23.45 8.82
N LEU C 40 12.65 -24.55 9.41
CA LEU C 40 14.01 -24.63 9.93
C LEU C 40 14.36 -25.96 10.58
N PHE C 41 15.62 -26.38 10.38
CA PHE C 41 16.13 -27.60 10.96
C PHE C 41 17.04 -27.15 12.09
N ALA C 42 16.49 -27.06 13.29
CA ALA C 42 17.26 -26.59 14.45
C ALA C 42 17.77 -27.70 15.36
N GLY C 43 18.57 -27.29 16.34
CA GLY C 43 19.11 -28.24 17.30
C GLY C 43 20.63 -28.23 17.35
N THR C 44 21.24 -28.07 16.18
CA THR C 44 22.70 -28.05 16.05
C THR C 44 23.35 -26.83 16.68
N LYS C 45 22.64 -25.70 16.69
CA LYS C 45 23.20 -24.47 17.26
C LYS C 45 22.13 -23.44 17.55
N ASP C 46 22.44 -22.52 18.46
CA ASP C 46 21.52 -21.47 18.81
C ASP C 46 21.23 -20.70 17.52
N ALA C 47 19.97 -20.37 17.31
CA ALA C 47 19.57 -19.63 16.11
C ALA C 47 18.15 -19.11 16.24
N GLU C 48 17.85 -18.04 15.51
CA GLU C 48 16.54 -17.43 15.52
C GLU C 48 16.01 -17.28 14.10
N ALA C 49 14.69 -17.15 13.97
CA ALA C 49 14.08 -17.01 12.66
C ALA C 49 12.71 -16.33 12.75
N SER C 50 12.59 -15.19 12.09
CA SER C 50 11.34 -14.44 12.06
C SER C 50 11.00 -14.28 10.58
N LEU C 51 9.77 -14.61 10.21
CA LEU C 51 9.39 -14.51 8.81
C LEU C 51 7.93 -14.22 8.56
N THR C 52 7.66 -13.39 7.57
CA THR C 52 6.29 -13.05 7.20
C THR C 52 5.77 -14.17 6.31
N ILE C 53 4.91 -15.01 6.89
CA ILE C 53 4.31 -16.13 6.17
C ILE C 53 3.79 -15.67 4.81
N ALA C 54 3.18 -14.49 4.79
CA ALA C 54 2.60 -13.92 3.59
C ALA C 54 3.36 -14.30 2.31
N ASN C 55 4.65 -13.98 2.26
CA ASN C 55 5.45 -14.28 1.09
C ASN C 55 6.54 -15.31 1.34
N ILE C 56 6.28 -16.56 0.99
CA ILE C 56 7.28 -17.60 1.20
C ILE C 56 7.31 -18.56 0.02
N ASP C 57 8.47 -19.17 -0.21
CA ASP C 57 8.69 -20.10 -1.30
C ASP C 57 7.40 -20.75 -1.78
N SER C 58 6.63 -21.30 -0.85
CA SER C 58 5.38 -21.95 -1.18
C SER C 58 4.32 -20.96 -1.65
N VAL C 59 3.46 -20.56 -0.73
CA VAL C 59 2.37 -19.61 -0.98
C VAL C 59 2.53 -18.72 -2.20
N SER C 60 3.66 -18.02 -2.29
CA SER C 60 3.91 -17.11 -3.39
C SER C 60 3.64 -17.80 -4.72
N THR C 61 4.02 -19.08 -4.81
CA THR C 61 3.83 -19.84 -6.03
C THR C 61 2.39 -20.29 -6.27
N LEU C 62 1.71 -20.74 -5.22
CA LEU C 62 0.33 -21.20 -5.37
C LEU C 62 -0.61 -20.08 -5.79
N THR C 63 -0.28 -18.87 -5.38
CA THR C 63 -1.09 -17.69 -5.67
C THR C 63 -0.68 -16.99 -6.97
N THR C 64 0.46 -17.36 -7.52
CA THR C 64 0.99 -16.76 -8.74
C THR C 64 -0.02 -16.38 -9.82
N PHE C 65 -1.17 -17.06 -9.87
CA PHE C 65 -2.13 -16.74 -10.92
C PHE C 65 -3.48 -16.21 -10.44
N TYR C 66 -3.56 -15.80 -9.19
CA TYR C 66 -4.80 -15.26 -8.65
C TYR C 66 -4.56 -13.88 -8.07
N ARG C 67 -5.62 -13.07 -8.02
CA ARG C 67 -5.51 -11.70 -7.52
C ARG C 67 -5.75 -11.60 -6.01
N HIS C 68 -6.57 -12.51 -5.47
CA HIS C 68 -6.87 -12.49 -4.05
C HIS C 68 -6.72 -13.86 -3.41
N ALA C 69 -6.32 -13.85 -2.14
CA ALA C 69 -6.13 -15.09 -1.40
C ALA C 69 -5.80 -14.83 0.07
N SER C 70 -6.57 -15.44 0.96
CA SER C 70 -6.38 -15.29 2.39
C SER C 70 -6.08 -16.66 2.99
N LEU C 71 -5.90 -16.70 4.31
CA LEU C 71 -5.59 -17.94 5.00
C LEU C 71 -6.75 -18.50 5.82
N GLU C 72 -7.22 -19.69 5.44
CA GLU C 72 -8.31 -20.34 6.16
C GLU C 72 -7.79 -20.92 7.47
N SER C 73 -6.55 -21.39 7.45
CA SER C 73 -5.93 -21.98 8.63
C SER C 73 -4.42 -21.95 8.52
N LEU C 74 -3.75 -21.86 9.67
CA LEU C 74 -2.30 -21.81 9.71
C LEU C 74 -1.77 -22.21 11.08
N TRP C 75 -0.64 -22.92 11.10
CA TRP C 75 -0.05 -23.34 12.36
C TRP C 75 1.40 -23.77 12.19
N VAL C 76 2.11 -23.89 13.31
CA VAL C 76 3.50 -24.32 13.27
C VAL C 76 3.59 -25.69 13.90
N THR C 77 4.47 -26.53 13.36
CA THR C 77 4.62 -27.86 13.88
C THR C 77 6.09 -28.18 14.14
N ILE C 78 6.40 -28.53 15.38
CA ILE C 78 7.77 -28.87 15.73
C ILE C 78 7.91 -30.39 15.73
N HIS C 79 8.68 -30.90 14.79
CA HIS C 79 8.87 -32.34 14.67
C HIS C 79 10.22 -32.79 15.25
N PRO C 80 10.19 -33.44 16.43
CA PRO C 80 11.39 -33.94 17.10
C PRO C 80 12.09 -35.00 16.25
N THR C 81 13.42 -34.95 16.22
CA THR C 81 14.21 -35.90 15.45
C THR C 81 14.81 -36.93 16.40
N LEU C 82 15.49 -37.92 15.87
CA LEU C 82 16.09 -38.98 16.68
C LEU C 82 17.13 -38.42 17.66
N GLN C 83 17.47 -37.15 17.52
CA GLN C 83 18.46 -36.51 18.39
C GLN C 83 17.83 -35.78 19.58
N ALA C 84 16.57 -35.40 19.43
CA ALA C 84 15.84 -34.69 20.48
C ALA C 84 15.98 -35.36 21.84
N PRO C 85 15.79 -36.68 21.91
CA PRO C 85 15.90 -37.39 23.18
C PRO C 85 17.26 -37.21 23.85
N ALA C 86 18.32 -37.44 23.08
CA ALA C 86 19.69 -37.33 23.57
C ALA C 86 20.14 -35.87 23.76
N PHE C 87 19.53 -34.95 23.02
CA PHE C 87 19.88 -33.53 23.11
C PHE C 87 18.68 -32.61 23.30
N PRO C 88 18.27 -32.38 24.54
CA PRO C 88 17.13 -31.50 24.84
C PRO C 88 17.38 -30.12 24.25
N THR C 89 16.37 -29.57 23.59
CA THR C 89 16.53 -28.27 22.98
C THR C 89 15.43 -27.28 23.35
N THR C 90 15.82 -26.02 23.52
CA THR C 90 14.88 -24.97 23.86
C THR C 90 14.36 -24.32 22.59
N VAL C 91 13.04 -24.17 22.50
CA VAL C 91 12.42 -23.57 21.32
C VAL C 91 11.43 -22.47 21.65
N GLY C 92 11.66 -21.29 21.09
CA GLY C 92 10.78 -20.17 21.32
C GLY C 92 9.84 -19.99 20.14
N VAL C 93 8.56 -19.75 20.42
CA VAL C 93 7.58 -19.57 19.35
C VAL C 93 6.56 -18.48 19.67
N CYS C 94 6.13 -17.77 18.64
CA CYS C 94 5.15 -16.71 18.82
C CYS C 94 4.65 -16.12 17.50
N TRP C 95 3.32 -16.00 17.40
CA TRP C 95 2.68 -15.45 16.21
C TRP C 95 2.40 -13.97 16.43
N VAL C 96 2.80 -13.14 15.46
CA VAL C 96 2.58 -11.70 15.56
C VAL C 96 2.33 -11.06 14.19
N PRO C 97 1.65 -9.92 14.17
CA PRO C 97 1.36 -9.22 12.91
C PRO C 97 2.67 -8.76 12.27
N ALA C 98 2.69 -8.82 10.94
CA ALA C 98 3.85 -8.45 10.16
C ALA C 98 4.59 -7.21 10.67
N GLN C 99 3.85 -6.14 10.93
CA GLN C 99 4.45 -4.89 11.39
C GLN C 99 4.78 -4.83 12.88
N SER C 100 4.79 -5.97 13.55
CA SER C 100 5.14 -5.98 14.97
C SER C 100 6.66 -6.03 15.06
N PRO C 101 7.28 -4.99 15.65
CA PRO C 101 8.74 -4.86 15.80
C PRO C 101 9.42 -5.88 16.71
N VAL C 102 8.69 -6.90 17.15
CA VAL C 102 9.27 -7.91 18.03
C VAL C 102 10.29 -8.80 17.33
N THR C 103 11.34 -9.15 18.07
CA THR C 103 12.39 -10.02 17.56
C THR C 103 12.42 -11.29 18.42
N PRO C 104 12.78 -12.43 17.81
CA PRO C 104 12.85 -13.72 18.51
C PRO C 104 13.46 -13.63 19.90
N THR C 105 14.39 -12.69 20.07
CA THR C 105 15.05 -12.50 21.34
C THR C 105 14.08 -12.08 22.44
N GLN C 106 12.94 -11.51 22.03
CA GLN C 106 11.94 -11.02 22.97
C GLN C 106 10.66 -11.84 23.02
N ILE C 107 10.71 -13.06 22.52
CA ILE C 107 9.51 -13.90 22.52
C ILE C 107 8.88 -13.99 23.91
N THR C 108 9.70 -13.97 24.94
CA THR C 108 9.24 -14.07 26.32
C THR C 108 8.71 -12.75 26.89
N LYS C 109 9.17 -11.62 26.36
CA LYS C 109 8.71 -10.32 26.83
C LYS C 109 7.38 -10.01 26.13
N THR C 110 7.01 -10.86 25.19
CA THR C 110 5.77 -10.70 24.43
C THR C 110 4.64 -11.53 25.03
N TYR C 111 3.43 -11.01 24.94
CA TYR C 111 2.25 -11.68 25.48
C TYR C 111 2.13 -13.17 25.14
N GLY C 112 1.79 -13.47 23.89
CA GLY C 112 1.62 -14.85 23.48
C GLY C 112 2.84 -15.77 23.57
N GLY C 113 4.03 -15.20 23.40
CA GLY C 113 5.26 -15.98 23.44
C GLY C 113 5.25 -17.24 24.30
N GLN C 114 5.80 -18.31 23.75
CA GLN C 114 5.88 -19.60 24.43
C GLN C 114 7.23 -20.26 24.24
N ILE C 115 7.70 -20.96 25.27
CA ILE C 115 8.99 -21.64 25.22
C ILE C 115 8.82 -23.12 25.55
N PHE C 116 9.48 -23.98 24.78
CA PHE C 116 9.38 -25.41 25.03
C PHE C 116 10.71 -26.14 25.04
N CYS C 117 10.78 -27.18 25.84
CA CYS C 117 11.97 -28.00 25.93
C CYS C 117 11.70 -29.29 25.17
N ILE C 118 12.43 -29.49 24.08
CA ILE C 118 12.24 -30.69 23.27
C ILE C 118 13.10 -31.86 23.69
N GLY C 119 12.44 -32.99 23.91
CA GLY C 119 13.14 -34.21 24.31
C GLY C 119 13.74 -34.12 25.68
N GLY C 120 14.62 -35.06 26.00
CA GLY C 120 15.28 -35.06 27.28
C GLY C 120 14.48 -35.65 28.43
N ALA C 121 13.15 -35.54 28.37
CA ALA C 121 12.32 -36.07 29.43
C ALA C 121 11.05 -36.71 28.91
N ILE C 122 10.21 -37.14 29.85
CA ILE C 122 8.96 -37.79 29.53
C ILE C 122 8.04 -36.88 28.73
N GLN C 123 7.26 -37.48 27.82
CA GLN C 123 6.32 -36.73 26.97
C GLN C 123 6.93 -35.41 26.52
N THR C 124 7.83 -35.48 25.54
CA THR C 124 8.49 -34.30 25.01
C THR C 124 8.83 -34.50 23.54
N LEU C 125 8.56 -35.70 23.04
CA LEU C 125 8.87 -36.04 21.66
C LEU C 125 7.67 -36.03 20.71
N SER C 126 6.48 -35.78 21.25
CA SER C 126 5.29 -35.73 20.40
C SER C 126 5.34 -34.45 19.57
N PRO C 127 5.02 -34.55 18.27
CA PRO C 127 5.04 -33.36 17.41
C PRO C 127 4.22 -32.26 18.06
N LEU C 128 4.86 -31.12 18.30
CA LEU C 128 4.15 -30.01 18.93
C LEU C 128 3.56 -29.05 17.91
N ILE C 129 2.35 -28.59 18.18
CA ILE C 129 1.66 -27.68 17.28
C ILE C 129 1.10 -26.44 17.94
N VAL C 130 1.34 -25.28 17.32
CA VAL C 130 0.84 -24.02 17.84
C VAL C 130 0.06 -23.28 16.75
N LYS C 131 -1.23 -23.60 16.65
CA LYS C 131 -2.10 -22.97 15.66
C LYS C 131 -1.98 -21.45 15.70
N CYS C 132 -2.02 -20.82 14.53
CA CYS C 132 -1.93 -19.36 14.44
C CYS C 132 -3.33 -18.80 14.65
N PRO C 133 -3.45 -17.74 15.47
CA PRO C 133 -4.75 -17.12 15.73
C PRO C 133 -5.08 -16.07 14.67
N LEU C 134 -5.45 -16.51 13.48
CA LEU C 134 -5.78 -15.58 12.41
C LEU C 134 -6.89 -14.64 12.92
N GLU C 135 -7.69 -15.17 13.84
CA GLU C 135 -8.79 -14.44 14.44
C GLU C 135 -8.32 -13.04 14.84
N MET C 136 -7.08 -12.93 15.30
CA MET C 136 -6.52 -11.66 15.73
C MET C 136 -5.29 -11.31 14.89
N MET C 137 -5.41 -11.52 13.58
CA MET C 137 -4.34 -11.24 12.63
C MET C 137 -4.96 -10.76 11.33
N GLN C 138 -4.11 -10.52 10.35
CA GLN C 138 -4.55 -10.09 9.03
C GLN C 138 -4.40 -11.28 8.09
N PRO C 139 -5.49 -12.05 7.88
CA PRO C 139 -5.55 -13.23 7.02
C PRO C 139 -5.21 -13.03 5.55
N ARG C 140 -5.80 -12.00 4.93
CA ARG C 140 -5.53 -11.73 3.53
C ARG C 140 -4.03 -11.70 3.25
N VAL C 141 -3.57 -12.55 2.34
CA VAL C 141 -2.15 -12.61 1.98
C VAL C 141 -1.85 -11.95 0.64
N LYS C 142 -2.83 -11.96 -0.26
CA LYS C 142 -2.68 -11.36 -1.58
C LYS C 142 -3.97 -10.63 -1.92
N ASP C 143 -3.88 -9.32 -2.13
CA ASP C 143 -5.06 -8.53 -2.45
C ASP C 143 -4.75 -7.36 -3.37
N SER C 144 -5.75 -6.49 -3.56
CA SER C 144 -5.60 -5.32 -4.40
C SER C 144 -4.68 -4.31 -3.72
N ILE C 145 -4.04 -4.75 -2.65
CA ILE C 145 -3.12 -3.91 -1.89
C ILE C 145 -2.44 -4.76 -0.84
N GLN C 146 -1.27 -4.33 -0.38
CA GLN C 146 -0.51 -5.08 0.63
C GLN C 146 -0.82 -4.59 2.03
N TYR C 147 -1.03 -5.54 2.94
CA TYR C 147 -1.29 -5.20 4.34
C TYR C 147 0.01 -5.36 5.08
N LEU C 148 0.07 -4.85 6.30
CA LEU C 148 1.30 -4.96 7.08
C LEU C 148 1.08 -5.64 8.41
N ASP C 149 -0.06 -6.29 8.56
CA ASP C 149 -0.39 -6.99 9.80
C ASP C 149 -0.65 -8.47 9.55
N SER C 150 -0.18 -8.96 8.41
CA SER C 150 -0.32 -10.36 8.04
C SER C 150 0.52 -11.23 8.98
N PRO C 151 0.21 -12.53 9.04
CA PRO C 151 0.93 -13.48 9.90
C PRO C 151 2.46 -13.45 9.79
N LYS C 152 3.10 -13.37 10.95
CA LYS C 152 4.56 -13.35 11.04
C LYS C 152 4.97 -14.29 12.16
N LEU C 153 5.81 -15.27 11.83
CA LEU C 153 6.25 -16.24 12.81
C LEU C 153 7.62 -15.95 13.38
N LEU C 154 7.74 -16.09 14.70
CA LEU C 154 9.00 -15.85 15.39
C LEU C 154 9.47 -17.13 16.07
N ILE C 155 10.70 -17.53 15.79
CA ILE C 155 11.26 -18.74 16.36
C ILE C 155 12.63 -18.50 16.99
N SER C 156 12.84 -19.06 18.17
CA SER C 156 14.09 -18.92 18.89
C SER C 156 14.61 -20.30 19.25
N ILE C 157 15.90 -20.53 19.01
CA ILE C 157 16.51 -21.83 19.30
C ILE C 157 17.74 -21.72 20.20
N THR C 158 17.76 -22.51 21.25
CA THR C 158 18.87 -22.53 22.19
C THR C 158 19.35 -23.98 22.29
N ALA C 159 20.46 -24.27 21.60
CA ALA C 159 21.02 -25.62 21.58
C ALA C 159 21.94 -25.95 22.76
N GLN C 160 22.18 -27.24 22.94
CA GLN C 160 23.04 -27.74 24.00
C GLN C 160 24.47 -27.23 23.81
N PRO C 161 25.17 -26.91 24.91
CA PRO C 161 26.54 -26.42 24.74
C PRO C 161 27.31 -27.47 23.95
N THR C 162 27.21 -28.71 24.42
CA THR C 162 27.85 -29.83 23.75
C THR C 162 26.81 -30.24 22.69
N ALA C 163 26.80 -29.47 21.62
CA ALA C 163 25.86 -29.64 20.51
C ALA C 163 25.76 -31.05 19.92
N PRO C 164 24.59 -31.36 19.32
CA PRO C 164 24.29 -32.64 18.68
C PRO C 164 24.87 -32.72 17.29
N PRO C 165 25.03 -33.93 16.76
CA PRO C 165 25.59 -34.13 15.42
C PRO C 165 24.69 -33.61 14.30
N ALA C 166 23.41 -33.45 14.60
CA ALA C 166 22.46 -32.97 13.61
C ALA C 166 21.25 -32.32 14.28
N SER C 167 20.44 -31.67 13.47
CA SER C 167 19.23 -30.99 13.91
C SER C 167 18.43 -31.91 14.82
N THR C 168 18.03 -31.41 15.99
CA THR C 168 17.27 -32.22 16.93
C THR C 168 15.79 -32.20 16.61
N CYS C 169 15.37 -31.25 15.80
CA CYS C 169 13.96 -31.16 15.43
C CYS C 169 13.78 -30.29 14.18
N ILE C 170 12.63 -30.47 13.53
CA ILE C 170 12.31 -29.73 12.32
C ILE C 170 11.03 -28.93 12.47
N ILE C 171 11.12 -27.64 12.25
CA ILE C 171 9.95 -26.79 12.36
C ILE C 171 9.37 -26.51 10.98
N THR C 172 8.08 -26.79 10.82
CA THR C 172 7.40 -26.56 9.56
C THR C 172 6.10 -25.81 9.81
N VAL C 173 5.68 -25.08 8.79
CA VAL C 173 4.44 -24.33 8.87
C VAL C 173 3.46 -24.90 7.85
N SER C 174 2.34 -25.40 8.37
CA SER C 174 1.32 -25.96 7.53
C SER C 174 0.08 -25.06 7.51
N GLY C 175 -0.79 -25.30 6.55
CA GLY C 175 -2.01 -24.50 6.44
C GLY C 175 -2.64 -24.59 5.07
N THR C 176 -3.83 -24.00 4.94
CA THR C 176 -4.56 -23.99 3.68
C THR C 176 -5.14 -22.60 3.48
N LEU C 177 -5.16 -22.16 2.22
CA LEU C 177 -5.68 -20.84 1.88
C LEU C 177 -6.67 -20.86 0.73
N SER C 178 -7.56 -19.85 0.68
CA SER C 178 -8.55 -19.77 -0.39
C SER C 178 -8.14 -18.66 -1.34
N MET C 179 -8.46 -18.83 -2.63
CA MET C 179 -8.11 -17.83 -3.63
C MET C 179 -9.18 -17.73 -4.69
N HIS C 180 -9.19 -16.59 -5.39
CA HIS C 180 -10.14 -16.36 -6.46
C HIS C 180 -9.68 -15.19 -7.31
N SER C 181 -10.45 -14.88 -8.35
CA SER C 181 -10.12 -13.78 -9.26
C SER C 181 -8.78 -14.05 -9.95
N PRO C 182 -8.83 -14.53 -11.20
CA PRO C 182 -7.62 -14.84 -11.98
C PRO C 182 -6.80 -13.62 -12.37
N LEU C 183 -5.49 -13.71 -12.18
CA LEU C 183 -4.60 -12.62 -12.54
C LEU C 183 -4.21 -12.83 -13.99
N ILE C 184 -4.71 -11.98 -14.86
CA ILE C 184 -4.44 -12.06 -16.29
C ILE C 184 -2.98 -11.79 -16.61
N THR C 185 -2.28 -12.81 -17.06
CA THR C 185 -0.86 -12.69 -17.39
C THR C 185 -0.45 -13.69 -18.47
N ASP C 186 0.85 -13.85 -18.65
CA ASP C 186 1.38 -14.77 -19.64
C ASP C 186 1.56 -16.18 -19.10
N THR C 187 1.22 -17.16 -19.93
CA THR C 187 1.33 -18.56 -19.56
C THR C 187 2.27 -19.27 -20.53
N SER C 188 3.28 -19.93 -19.98
CA SER C 188 4.25 -20.65 -20.77
C SER C 188 5.09 -21.41 -19.76
N THR C 189 5.29 -20.76 -18.63
CA THR C 189 6.06 -21.30 -17.53
C THR C 189 5.57 -20.57 -16.28
#